data_6W83
#
_entry.id   6W83
#
_cell.length_a   70.222
_cell.length_b   121.164
_cell.length_c   129.426
_cell.angle_alpha   90
_cell.angle_beta   90
_cell.angle_gamma   90
#
_symmetry.space_group_name_H-M   'P 21 21 21'
#
loop_
_entity.id
_entity.type
_entity.pdbx_description
1 polymer 'Potassium channel subfamily K member 2'
2 non-polymer 'CADMIUM ION'
3 non-polymer DODECANE
4 non-polymer N-OCTANE
5 non-polymer 'POTASSIUM ION'
6 non-polymer HEXADECANE
7 non-polymer DECANE
#
_entity_poly.entity_id   1
_entity_poly.type   'polypeptide(L)'
_entity_poly.pdbx_seq_one_letter_code
;MSFSSKPTVLASRVESDSAINVMKWKTVSTIFLVVVLYLIIGATVFKALEQPQEISQRTTIVIQREKFLRAHPCVSDQEL
DELIQQIVAAINAGIIPLGASSNQVSHWDLGSSFFFAGTVITTIGFGNISPRTEGGKIFCIIYALLGIPLFGFLLAGVGD
QLGTIFGKGIAKVEDTFIKWNVSQTKIRIISTIIFILFGCVLFVALPAVIFKHIEGWSALDAIYFVVITLTTIGFGDYVA
GGSDIEYLDFYKPVVWFWILVGLAYFAAVLSMIGDWLRVIAKKTKEAVGEFRAHAAEWTANVTSNSLEVLFQ
;
_entity_poly.pdbx_strand_id   A,B
#
loop_
_chem_comp.id
_chem_comp.type
_chem_comp.name
_chem_comp.formula
CD non-polymer 'CADMIUM ION' 'Cd 2'
D10 non-polymer DECANE 'C10 H22'
D12 non-polymer DODECANE 'C12 H26'
K non-polymer 'POTASSIUM ION' 'K 1'
OCT non-polymer N-OCTANE 'C8 H18'
R16 non-polymer HEXADECANE 'C16 H34'
#
# COMPACT_ATOMS: atom_id res chain seq x y z
N LYS A 24 26.56 -20.53 -1.58
CA LYS A 24 27.60 -20.19 -2.54
C LYS A 24 27.06 -19.29 -3.66
N TRP A 25 26.23 -19.86 -4.53
CA TRP A 25 25.71 -19.14 -5.68
C TRP A 25 24.53 -18.24 -5.30
N LYS A 26 24.46 -17.07 -5.95
CA LYS A 26 23.57 -16.00 -5.50
C LYS A 26 22.13 -16.20 -5.97
N THR A 27 21.91 -16.17 -7.29
CA THR A 27 20.60 -16.33 -7.94
C THR A 27 19.70 -15.12 -7.68
N VAL A 28 20.14 -14.19 -6.85
CA VAL A 28 19.35 -12.97 -6.61
C VAL A 28 19.56 -11.97 -7.74
N SER A 29 20.82 -11.74 -8.10
CA SER A 29 21.14 -10.77 -9.15
C SER A 29 20.34 -11.00 -10.42
N THR A 30 20.18 -12.27 -10.82
CA THR A 30 19.43 -12.57 -12.03
C THR A 30 17.96 -12.15 -11.90
N ILE A 31 17.37 -12.38 -10.72
CA ILE A 31 16.00 -11.92 -10.49
C ILE A 31 15.95 -10.40 -10.54
N PHE A 32 16.89 -9.74 -9.87
CA PHE A 32 16.99 -8.28 -9.85
C PHE A 32 16.86 -7.67 -11.24
N LEU A 33 17.64 -8.19 -12.20
CA LEU A 33 17.62 -7.62 -13.54
C LEU A 33 16.30 -7.89 -14.25
N VAL A 34 15.67 -9.03 -13.98
CA VAL A 34 14.33 -9.28 -14.51
C VAL A 34 13.34 -8.27 -13.96
N VAL A 35 13.48 -7.92 -12.68
CA VAL A 35 12.62 -6.91 -12.08
C VAL A 35 12.92 -5.53 -12.67
N VAL A 36 14.21 -5.21 -12.82
CA VAL A 36 14.60 -3.91 -13.39
C VAL A 36 13.99 -3.74 -14.78
N LEU A 37 14.20 -4.72 -15.66
CA LEU A 37 13.62 -4.67 -17.00
C LEU A 37 12.10 -4.60 -16.95
N TYR A 38 11.49 -5.30 -15.99
CA TYR A 38 10.04 -5.25 -15.85
C TYR A 38 9.58 -3.87 -15.41
N LEU A 39 10.38 -3.21 -14.56
CA LEU A 39 10.09 -1.83 -14.19
C LEU A 39 10.34 -0.88 -15.34
N ILE A 40 11.35 -1.16 -16.17
CA ILE A 40 11.62 -0.32 -17.33
C ILE A 40 10.51 -0.46 -18.36
N ILE A 41 10.11 -1.70 -18.67
CA ILE A 41 9.04 -1.92 -19.63
C ILE A 41 7.74 -1.32 -19.12
N GLY A 42 7.39 -1.61 -17.86
CA GLY A 42 6.20 -1.04 -17.28
C GLY A 42 6.22 0.48 -17.30
N ALA A 43 7.38 1.08 -17.04
CA ALA A 43 7.52 2.52 -17.14
C ALA A 43 7.16 3.01 -18.53
N THR A 44 7.85 2.48 -19.55
CA THR A 44 7.60 2.90 -20.92
C THR A 44 6.15 2.68 -21.33
N VAL A 45 5.48 1.68 -20.76
CA VAL A 45 4.08 1.47 -21.08
C VAL A 45 3.20 2.53 -20.41
N PHE A 46 3.47 2.84 -19.13
CA PHE A 46 2.59 3.73 -18.40
C PHE A 46 2.58 5.15 -18.99
N LYS A 47 3.76 5.69 -19.29
CA LYS A 47 3.75 7.02 -19.89
C LYS A 47 3.22 6.98 -21.32
N ALA A 48 3.37 5.84 -22.00
CA ALA A 48 2.71 5.69 -23.30
C ALA A 48 1.19 5.70 -23.16
N LEU A 49 0.67 5.33 -21.99
CA LEU A 49 -0.76 5.29 -21.73
C LEU A 49 -1.31 6.56 -21.09
N GLU A 50 -0.50 7.27 -20.31
CA GLU A 50 -0.97 8.40 -19.53
C GLU A 50 -0.54 9.76 -20.05
N GLN A 51 0.67 9.88 -20.59
CA GLN A 51 1.11 11.16 -21.14
C GLN A 51 0.24 11.66 -22.29
N PRO A 52 -0.39 10.83 -23.12
CA PRO A 52 -1.40 11.37 -24.04
C PRO A 52 -2.54 12.07 -23.32
N GLN A 53 -3.18 11.41 -22.36
CA GLN A 53 -4.22 12.08 -21.58
C GLN A 53 -3.67 13.05 -20.55
N GLU A 54 -2.35 13.10 -20.36
CA GLU A 54 -1.77 14.12 -19.50
C GLU A 54 -1.81 15.48 -20.19
N ILE A 55 -1.42 15.50 -21.48
CA ILE A 55 -1.37 16.76 -22.23
C ILE A 55 -2.76 17.33 -22.38
N SER A 56 -3.70 16.51 -22.88
CA SER A 56 -5.05 16.99 -23.18
C SER A 56 -5.72 17.59 -21.96
N GLN A 57 -5.41 17.08 -20.77
CA GLN A 57 -5.97 17.66 -19.56
C GLN A 57 -5.19 18.90 -19.13
N ARG A 58 -3.89 18.95 -19.40
CA ARG A 58 -3.08 20.12 -19.06
C ARG A 58 -3.28 21.26 -20.05
N THR A 59 -3.66 20.95 -21.30
CA THR A 59 -3.94 21.99 -22.27
C THR A 59 -5.37 22.53 -22.14
N THR A 60 -6.31 21.69 -21.71
CA THR A 60 -7.68 22.14 -21.50
C THR A 60 -7.89 22.80 -20.13
N ILE A 61 -6.89 22.82 -19.27
CA ILE A 61 -6.97 23.62 -18.06
C ILE A 61 -6.48 25.05 -18.29
N VAL A 62 -5.54 25.23 -19.22
CA VAL A 62 -5.10 26.59 -19.56
C VAL A 62 -6.21 27.34 -20.28
N ILE A 63 -7.00 26.65 -21.10
CA ILE A 63 -8.14 27.27 -21.77
C ILE A 63 -9.21 27.65 -20.74
N GLN A 64 -9.51 26.71 -19.84
CA GLN A 64 -10.44 26.98 -18.75
C GLN A 64 -9.91 28.02 -17.77
N ARG A 65 -8.64 28.39 -17.86
CA ARG A 65 -8.16 29.50 -17.04
C ARG A 65 -8.32 30.84 -17.74
N GLU A 66 -8.03 30.93 -19.05
CA GLU A 66 -8.36 32.14 -19.78
C GLU A 66 -9.88 32.33 -19.88
N LYS A 67 -10.63 31.23 -19.94
CA LYS A 67 -12.09 31.33 -19.96
C LYS A 67 -12.62 32.00 -18.71
N PHE A 68 -11.88 31.95 -17.60
CA PHE A 68 -12.33 32.58 -16.36
C PHE A 68 -11.74 33.96 -16.15
N LEU A 69 -10.57 34.24 -16.72
CA LEU A 69 -10.09 35.63 -16.74
C LEU A 69 -10.93 36.49 -17.67
N ARG A 70 -11.30 35.96 -18.83
CA ARG A 70 -12.05 36.73 -19.81
C ARG A 70 -13.51 36.91 -19.39
N ALA A 71 -14.17 35.81 -19.01
CA ALA A 71 -15.59 35.88 -18.67
C ALA A 71 -15.85 36.70 -17.41
N HIS A 72 -14.86 36.83 -16.52
CA HIS A 72 -14.98 37.63 -15.31
C HIS A 72 -13.88 38.69 -15.30
N PRO A 73 -14.11 39.86 -15.91
CA PRO A 73 -13.21 40.99 -15.67
C PRO A 73 -13.17 41.39 -14.21
N CYS A 74 -14.15 40.95 -13.42
CA CYS A 74 -14.13 41.14 -11.97
C CYS A 74 -12.81 40.70 -11.36
N VAL A 75 -12.38 39.49 -11.69
CA VAL A 75 -11.16 38.92 -11.14
C VAL A 75 -9.99 39.28 -12.06
N SER A 76 -8.82 39.54 -11.46
CA SER A 76 -7.63 39.93 -12.20
C SER A 76 -6.58 38.82 -12.12
N ASP A 77 -5.49 39.04 -12.86
CA ASP A 77 -4.37 38.10 -12.84
C ASP A 77 -3.84 37.86 -11.44
N GLN A 78 -3.66 38.93 -10.66
CA GLN A 78 -3.03 38.81 -9.35
C GLN A 78 -3.95 38.16 -8.32
N GLU A 79 -5.25 38.42 -8.43
CA GLU A 79 -6.22 37.92 -7.47
C GLU A 79 -6.60 36.47 -7.69
N LEU A 80 -6.45 35.97 -8.92
CA LEU A 80 -6.67 34.55 -9.16
C LEU A 80 -5.59 33.70 -8.51
N ASP A 81 -4.32 34.07 -8.73
CA ASP A 81 -3.22 33.28 -8.17
C ASP A 81 -3.25 33.29 -6.64
N GLU A 82 -3.80 34.35 -6.04
CA GLU A 82 -3.99 34.36 -4.59
C GLU A 82 -5.04 33.31 -4.19
N LEU A 83 -6.08 33.15 -5.00
CA LEU A 83 -7.08 32.12 -4.72
C LEU A 83 -6.52 30.72 -4.93
N ILE A 84 -5.73 30.53 -5.98
CA ILE A 84 -5.20 29.20 -6.28
C ILE A 84 -4.30 28.73 -5.16
N GLN A 85 -3.46 29.63 -4.64
CA GLN A 85 -2.55 29.27 -3.56
C GLN A 85 -3.30 28.95 -2.27
N GLN A 86 -4.49 29.53 -2.08
CA GLN A 86 -5.31 29.16 -0.93
C GLN A 86 -5.90 27.77 -1.09
N ILE A 87 -6.28 27.41 -2.31
CA ILE A 87 -6.71 26.03 -2.56
C ILE A 87 -5.52 25.09 -2.51
N VAL A 88 -4.36 25.55 -2.97
CA VAL A 88 -3.12 24.80 -2.78
C VAL A 88 -2.84 24.62 -1.29
N ALA A 89 -3.16 25.64 -0.48
CA ALA A 89 -3.07 25.47 0.96
C ALA A 89 -4.16 24.54 1.48
N ALA A 90 -5.31 24.51 0.82
CA ALA A 90 -6.38 23.59 1.19
C ALA A 90 -6.08 22.15 0.79
N ILE A 91 -5.09 21.93 -0.09
CA ILE A 91 -4.66 20.57 -0.41
C ILE A 91 -4.20 19.87 0.86
N ASN A 92 -3.56 20.61 1.77
CA ASN A 92 -3.11 20.03 3.03
C ASN A 92 -4.27 19.53 3.88
N ALA A 93 -5.47 20.09 3.71
CA ALA A 93 -6.64 19.65 4.47
C ALA A 93 -7.71 19.03 3.57
N GLY A 94 -8.17 19.75 2.55
CA GLY A 94 -9.25 19.26 1.71
C GLY A 94 -9.34 19.96 0.36
N SER A 106 -17.70 15.26 6.84
CA SER A 106 -16.80 15.69 7.90
C SER A 106 -15.69 14.66 8.15
N HIS A 107 -14.45 15.10 8.06
CA HIS A 107 -13.32 14.20 8.25
C HIS A 107 -13.18 13.78 9.71
N TRP A 108 -12.46 12.68 9.91
CA TRP A 108 -12.04 12.23 11.24
C TRP A 108 -13.21 12.12 12.22
N ASP A 109 -14.36 11.67 11.74
CA ASP A 109 -15.49 11.53 12.65
C ASP A 109 -15.36 10.21 13.41
N LEU A 110 -16.36 9.86 14.20
CA LEU A 110 -16.30 8.65 15.01
C LEU A 110 -16.14 7.39 14.15
N GLY A 111 -16.62 7.43 12.92
CA GLY A 111 -16.51 6.30 12.02
C GLY A 111 -15.32 6.37 11.09
N SER A 112 -14.93 7.58 10.68
CA SER A 112 -13.84 7.72 9.72
C SER A 112 -12.50 7.30 10.31
N SER A 113 -12.20 7.78 11.52
CA SER A 113 -10.95 7.39 12.17
C SER A 113 -10.87 5.88 12.39
N PHE A 114 -12.03 5.24 12.60
CA PHE A 114 -12.07 3.78 12.67
C PHE A 114 -11.63 3.17 11.34
N PHE A 115 -12.19 3.67 10.24
CA PHE A 115 -11.81 3.20 8.91
C PHE A 115 -10.36 3.53 8.60
N PHE A 116 -9.89 4.71 9.04
CA PHE A 116 -8.50 5.07 8.83
C PHE A 116 -7.54 4.09 9.50
N ALA A 117 -7.86 3.68 10.73
CA ALA A 117 -7.02 2.69 11.41
C ALA A 117 -7.01 1.38 10.64
N GLY A 118 -8.10 1.06 9.94
CA GLY A 118 -8.11 -0.11 9.09
C GLY A 118 -7.19 0.03 7.89
N THR A 119 -7.01 1.25 7.38
CA THR A 119 -6.05 1.46 6.31
C THR A 119 -4.62 1.31 6.79
N VAL A 120 -4.37 1.54 8.08
CA VAL A 120 -3.01 1.52 8.60
C VAL A 120 -2.54 0.09 8.84
N ILE A 121 -3.30 -0.68 9.61
CA ILE A 121 -2.84 -2.02 9.99
C ILE A 121 -2.83 -2.96 8.79
N THR A 122 -3.75 -2.78 7.85
CA THR A 122 -3.77 -3.58 6.64
C THR A 122 -2.74 -3.12 5.62
N THR A 123 -2.08 -1.98 5.86
CA THR A 123 -1.11 -1.38 4.95
C THR A 123 -1.73 -1.08 3.58
N ILE A 124 -3.05 -0.88 3.54
CA ILE A 124 -3.68 -0.35 2.34
C ILE A 124 -3.36 1.13 2.19
N GLY A 125 -3.63 1.90 3.25
CA GLY A 125 -3.27 3.30 3.31
C GLY A 125 -3.72 4.12 2.12
N PHE A 126 -5.03 4.30 1.96
CA PHE A 126 -5.54 5.04 0.81
C PHE A 126 -4.98 6.45 0.75
N GLY A 127 -4.73 7.06 1.91
CA GLY A 127 -4.15 8.39 1.97
C GLY A 127 -5.12 9.53 1.77
N ASN A 128 -6.39 9.24 1.45
CA ASN A 128 -7.41 10.29 1.39
C ASN A 128 -7.51 11.04 2.71
N ILE A 129 -7.19 10.39 3.82
CA ILE A 129 -7.18 10.99 5.15
C ILE A 129 -5.88 10.59 5.81
N SER A 130 -4.99 11.56 6.04
CA SER A 130 -3.69 11.32 6.65
C SER A 130 -3.50 12.28 7.82
N PRO A 131 -2.74 11.88 8.83
CA PRO A 131 -2.60 12.72 10.03
C PRO A 131 -1.69 13.92 9.77
N ARG A 132 -2.15 15.09 10.22
CA ARG A 132 -1.37 16.31 10.12
C ARG A 132 -0.77 16.76 11.43
N THR A 133 -1.12 16.11 12.54
CA THR A 133 -0.63 16.47 13.86
C THR A 133 0.67 15.73 14.14
N GLU A 134 1.62 16.43 14.79
CA GLU A 134 2.84 15.77 15.21
C GLU A 134 2.55 14.56 16.09
N GLY A 135 1.58 14.69 17.00
CA GLY A 135 1.20 13.54 17.80
C GLY A 135 0.50 12.47 16.98
N GLY A 136 -0.35 12.88 16.03
CA GLY A 136 -0.98 11.92 15.14
C GLY A 136 0.03 11.14 14.32
N LYS A 137 1.05 11.82 13.81
CA LYS A 137 2.11 11.15 13.05
C LYS A 137 2.84 10.14 13.93
N ILE A 138 3.23 10.55 15.14
CA ILE A 138 3.96 9.66 16.03
C ILE A 138 3.09 8.49 16.46
N PHE A 139 1.83 8.76 16.81
CA PHE A 139 0.92 7.68 17.15
C PHE A 139 0.74 6.74 15.97
N CYS A 140 0.57 7.28 14.76
CA CYS A 140 0.41 6.45 13.57
C CYS A 140 1.64 5.56 13.37
N ILE A 141 2.83 6.09 13.59
CA ILE A 141 4.04 5.27 13.52
C ILE A 141 3.96 4.12 14.51
N ILE A 142 3.64 4.42 15.77
CA ILE A 142 3.53 3.38 16.78
C ILE A 142 2.31 2.50 16.50
N TYR A 143 1.21 3.11 16.05
CA TYR A 143 0.00 2.34 15.76
C TYR A 143 0.22 1.36 14.62
N ALA A 144 1.07 1.73 13.66
CA ALA A 144 1.38 0.84 12.53
C ALA A 144 2.35 -0.26 12.93
N LEU A 145 3.48 0.13 13.54
CA LEU A 145 4.53 -0.85 13.88
C LEU A 145 4.00 -1.96 14.77
N LEU A 146 2.98 -1.68 15.58
CA LEU A 146 2.36 -2.70 16.41
C LEU A 146 1.05 -3.22 15.83
N GLY A 147 0.37 -2.43 14.99
CA GLY A 147 -0.90 -2.87 14.42
C GLY A 147 -0.75 -3.71 13.18
N ILE A 148 0.27 -3.43 12.36
CA ILE A 148 0.54 -4.28 11.19
C ILE A 148 0.75 -5.75 11.61
N PRO A 149 1.60 -6.07 12.58
CA PRO A 149 1.70 -7.48 12.98
C PRO A 149 0.42 -8.02 13.57
N LEU A 150 -0.30 -7.20 14.34
CA LEU A 150 -1.58 -7.62 14.91
C LEU A 150 -2.55 -8.07 13.83
N PHE A 151 -2.71 -7.26 12.78
CA PHE A 151 -3.62 -7.64 11.70
C PHE A 151 -3.13 -8.89 10.99
N GLY A 152 -1.81 -9.07 10.89
CA GLY A 152 -1.27 -10.25 10.23
C GLY A 152 -1.79 -11.55 10.80
N PHE A 153 -2.04 -11.58 12.11
CA PHE A 153 -2.53 -12.81 12.73
C PHE A 153 -4.02 -12.99 12.46
N LEU A 154 -4.79 -11.91 12.44
CA LEU A 154 -6.21 -12.01 12.09
C LEU A 154 -6.38 -12.43 10.64
N LEU A 155 -5.65 -11.80 9.73
CA LEU A 155 -5.72 -12.21 8.33
C LEU A 155 -5.29 -13.65 8.16
N ALA A 156 -4.30 -14.10 8.94
CA ALA A 156 -3.89 -15.49 8.88
C ALA A 156 -5.00 -16.41 9.38
N GLY A 157 -5.69 -16.01 10.45
CA GLY A 157 -6.78 -16.83 10.96
C GLY A 157 -7.93 -16.93 9.99
N VAL A 158 -8.31 -15.80 9.38
CA VAL A 158 -9.37 -15.80 8.38
C VAL A 158 -8.93 -16.59 7.15
N GLY A 159 -7.68 -16.42 6.73
CA GLY A 159 -7.15 -17.21 5.63
C GLY A 159 -7.15 -18.70 5.93
N ASP A 160 -6.99 -19.06 7.21
CA ASP A 160 -7.11 -20.46 7.62
C ASP A 160 -8.54 -20.94 7.46
N GLN A 161 -9.51 -20.13 7.90
CA GLN A 161 -10.91 -20.51 7.77
C GLN A 161 -11.29 -20.67 6.31
N LEU A 162 -11.00 -19.66 5.48
CA LEU A 162 -11.28 -19.76 4.05
C LEU A 162 -10.54 -20.94 3.42
N GLY A 163 -9.31 -21.20 3.88
CA GLY A 163 -8.57 -22.33 3.37
C GLY A 163 -9.25 -23.65 3.67
N THR A 164 -9.85 -23.77 4.85
CA THR A 164 -10.54 -25.00 5.23
C THR A 164 -12.03 -25.00 4.86
N ILE A 165 -12.65 -23.82 4.75
CA ILE A 165 -13.98 -23.75 4.17
C ILE A 165 -13.96 -24.22 2.73
N PHE A 166 -12.97 -23.77 1.97
CA PHE A 166 -12.82 -24.22 0.58
C PHE A 166 -12.46 -25.70 0.51
N GLY A 167 -11.71 -26.20 1.50
CA GLY A 167 -11.37 -27.61 1.54
C GLY A 167 -12.58 -28.51 1.68
N LYS A 168 -13.62 -28.04 2.37
CA LYS A 168 -14.89 -28.78 2.40
C LYS A 168 -15.58 -28.70 1.05
N GLY A 169 -15.54 -27.52 0.42
CA GLY A 169 -16.25 -27.33 -0.83
C GLY A 169 -15.67 -28.11 -1.99
N ILE A 170 -14.38 -28.45 -1.92
CA ILE A 170 -13.74 -29.23 -2.98
C ILE A 170 -13.72 -30.73 -2.67
N ALA A 171 -13.90 -31.13 -1.41
CA ALA A 171 -14.07 -32.54 -1.12
C ALA A 171 -15.28 -33.11 -1.83
N LYS A 172 -16.38 -32.35 -1.87
CA LYS A 172 -17.56 -32.78 -2.61
C LYS A 172 -17.34 -32.69 -4.11
N VAL A 173 -16.48 -31.78 -4.56
CA VAL A 173 -16.19 -31.67 -5.99
C VAL A 173 -15.17 -32.72 -6.43
N GLU A 174 -14.32 -33.19 -5.51
CA GLU A 174 -13.32 -34.20 -5.83
C GLU A 174 -13.81 -35.63 -5.65
N ASP A 175 -15.11 -35.83 -5.45
CA ASP A 175 -15.75 -37.15 -5.54
C ASP A 175 -16.62 -37.30 -6.77
N THR A 176 -17.50 -36.33 -7.04
CA THR A 176 -18.65 -36.58 -7.89
C THR A 176 -18.27 -36.86 -9.35
N PHE A 177 -17.21 -36.26 -9.86
CA PHE A 177 -16.80 -36.57 -11.24
C PHE A 177 -15.34 -36.99 -11.35
N ILE A 178 -14.69 -37.34 -10.25
CA ILE A 178 -13.28 -37.69 -10.31
C ILE A 178 -13.10 -39.21 -10.45
N LYS A 179 -14.04 -40.00 -9.92
CA LYS A 179 -14.05 -41.42 -10.22
C LYS A 179 -14.29 -41.67 -11.70
N TRP A 180 -14.81 -40.68 -12.42
CA TRP A 180 -15.12 -40.80 -13.84
C TRP A 180 -13.84 -40.49 -14.62
N ASN A 181 -13.98 -40.25 -15.93
CA ASN A 181 -12.90 -40.49 -16.89
C ASN A 181 -11.55 -39.87 -16.51
N VAL A 182 -11.52 -38.66 -15.98
CA VAL A 182 -10.27 -37.93 -15.89
C VAL A 182 -9.46 -38.36 -14.66
N SER A 183 -8.14 -38.44 -14.83
CA SER A 183 -7.21 -38.78 -13.76
C SER A 183 -6.89 -37.54 -12.91
N GLN A 184 -6.38 -37.78 -11.69
CA GLN A 184 -6.40 -36.76 -10.65
C GLN A 184 -5.27 -35.75 -10.75
N THR A 185 -4.12 -36.11 -11.35
CA THR A 185 -3.08 -35.11 -11.57
C THR A 185 -3.54 -34.07 -12.58
N LYS A 186 -4.42 -34.44 -13.50
CA LYS A 186 -5.10 -33.49 -14.37
C LYS A 186 -6.36 -32.90 -13.71
N ILE A 187 -6.75 -33.40 -12.54
CA ILE A 187 -7.87 -32.80 -11.82
C ILE A 187 -7.41 -31.60 -11.00
N ARG A 188 -6.15 -31.60 -10.56
CA ARG A 188 -5.60 -30.43 -9.88
C ARG A 188 -5.69 -29.16 -10.72
N ILE A 189 -5.93 -29.30 -12.03
CA ILE A 189 -6.16 -28.12 -12.87
C ILE A 189 -7.58 -27.61 -12.70
N ILE A 190 -8.58 -28.49 -12.81
CA ILE A 190 -9.97 -28.05 -12.77
C ILE A 190 -10.37 -27.57 -11.38
N SER A 191 -9.78 -28.13 -10.33
CA SER A 191 -10.15 -27.71 -8.98
C SER A 191 -9.54 -26.36 -8.60
N THR A 192 -8.41 -26.00 -9.19
CA THR A 192 -7.84 -24.67 -8.97
C THR A 192 -8.53 -23.61 -9.82
N ILE A 193 -9.22 -24.00 -10.90
CA ILE A 193 -10.00 -23.05 -11.67
C ILE A 193 -11.23 -22.62 -10.90
N ILE A 194 -11.87 -23.57 -10.20
CA ILE A 194 -13.08 -23.25 -9.45
C ILE A 194 -12.75 -22.32 -8.29
N PHE A 195 -11.53 -22.37 -7.76
CA PHE A 195 -11.10 -21.38 -6.79
C PHE A 195 -11.07 -19.98 -7.42
N ILE A 196 -10.44 -19.85 -8.58
CA ILE A 196 -10.37 -18.57 -9.26
C ILE A 196 -11.75 -18.14 -9.75
N LEU A 197 -12.45 -19.06 -10.42
CA LEU A 197 -13.74 -18.73 -11.02
C LEU A 197 -14.74 -18.28 -9.96
N PHE A 198 -15.05 -19.15 -9.00
CA PHE A 198 -16.00 -18.83 -7.95
C PHE A 198 -15.45 -17.77 -6.99
N GLY A 199 -14.13 -17.58 -6.95
CA GLY A 199 -13.56 -16.60 -6.04
C GLY A 199 -13.69 -15.18 -6.57
N CYS A 200 -13.23 -14.94 -7.79
CA CYS A 200 -13.37 -13.63 -8.42
C CYS A 200 -14.82 -13.25 -8.64
N VAL A 201 -15.76 -14.15 -8.39
CA VAL A 201 -17.17 -13.79 -8.33
C VAL A 201 -17.49 -13.13 -6.99
N LEU A 202 -17.21 -13.85 -5.89
CA LEU A 202 -17.60 -13.38 -4.56
C LEU A 202 -16.73 -12.24 -4.05
N PHE A 203 -15.45 -12.19 -4.42
CA PHE A 203 -14.54 -11.20 -3.85
C PHE A 203 -14.15 -10.10 -4.81
N VAL A 204 -14.49 -10.19 -6.09
CA VAL A 204 -14.19 -9.12 -7.04
C VAL A 204 -15.48 -8.65 -7.69
N ALA A 205 -16.17 -9.57 -8.39
CA ALA A 205 -17.30 -9.19 -9.22
C ALA A 205 -18.46 -8.65 -8.37
N LEU A 206 -18.97 -9.47 -7.44
CA LEU A 206 -20.13 -9.07 -6.67
C LEU A 206 -19.92 -7.82 -5.83
N PRO A 207 -18.78 -7.62 -5.15
CA PRO A 207 -18.57 -6.33 -4.49
C PRO A 207 -18.36 -5.19 -5.47
N ALA A 208 -17.86 -5.47 -6.67
CA ALA A 208 -17.71 -4.42 -7.67
C ALA A 208 -19.06 -3.98 -8.23
N VAL A 209 -19.96 -4.94 -8.45
CA VAL A 209 -21.31 -4.60 -8.90
C VAL A 209 -22.02 -3.76 -7.86
N ILE A 210 -21.78 -4.03 -6.58
CA ILE A 210 -22.37 -3.26 -5.50
C ILE A 210 -21.79 -1.85 -5.48
N PHE A 211 -20.46 -1.74 -5.55
CA PHE A 211 -19.81 -0.43 -5.58
C PHE A 211 -20.29 0.40 -6.76
N LYS A 212 -20.44 -0.24 -7.93
CA LYS A 212 -20.95 0.44 -9.11
C LYS A 212 -22.31 1.09 -8.85
N HIS A 213 -23.19 0.39 -8.13
CA HIS A 213 -24.53 0.91 -7.90
C HIS A 213 -24.68 1.68 -6.61
N ILE A 214 -23.62 1.86 -5.82
CA ILE A 214 -23.68 2.63 -4.58
C ILE A 214 -22.86 3.91 -4.67
N GLU A 215 -21.62 3.82 -5.19
CA GLU A 215 -20.83 5.02 -5.39
C GLU A 215 -20.97 5.60 -6.79
N GLY A 216 -21.73 4.95 -7.67
CA GLY A 216 -21.91 5.46 -9.01
C GLY A 216 -20.70 5.33 -9.91
N TRP A 217 -19.74 4.48 -9.54
CA TRP A 217 -18.55 4.25 -10.36
C TRP A 217 -18.95 3.55 -11.66
N SER A 218 -18.01 3.53 -12.60
CA SER A 218 -18.25 2.88 -13.89
C SER A 218 -17.97 1.38 -13.73
N ALA A 219 -17.91 0.67 -14.86
CA ALA A 219 -17.63 -0.76 -14.81
C ALA A 219 -16.21 -1.03 -14.37
N LEU A 220 -15.23 -0.44 -15.07
CA LEU A 220 -13.83 -0.68 -14.74
C LEU A 220 -13.46 -0.07 -13.39
N ASP A 221 -14.00 1.11 -13.09
CA ASP A 221 -13.66 1.79 -11.84
C ASP A 221 -13.96 0.93 -10.62
N ALA A 222 -14.97 0.06 -10.72
CA ALA A 222 -15.28 -0.84 -9.62
C ALA A 222 -14.24 -1.95 -9.50
N ILE A 223 -13.93 -2.62 -10.61
CA ILE A 223 -12.93 -3.67 -10.59
C ILE A 223 -11.55 -3.10 -10.27
N TYR A 224 -11.23 -1.94 -10.86
CA TYR A 224 -9.97 -1.27 -10.56
C TYR A 224 -9.83 -1.00 -9.07
N PHE A 225 -10.91 -0.55 -8.43
CA PHE A 225 -10.87 -0.31 -6.99
C PHE A 225 -10.65 -1.60 -6.21
N VAL A 226 -11.37 -2.66 -6.57
CA VAL A 226 -11.25 -3.93 -5.85
C VAL A 226 -9.82 -4.44 -5.91
N VAL A 227 -9.22 -4.41 -7.10
CA VAL A 227 -7.83 -4.84 -7.26
C VAL A 227 -6.91 -3.97 -6.40
N ILE A 228 -6.94 -2.65 -6.64
CA ILE A 228 -6.10 -1.72 -5.87
C ILE A 228 -6.34 -1.87 -4.37
N THR A 229 -7.57 -2.18 -3.96
CA THR A 229 -7.85 -2.38 -2.54
C THR A 229 -7.20 -3.67 -2.04
N LEU A 230 -7.57 -4.80 -2.63
CA LEU A 230 -7.18 -6.08 -2.08
C LEU A 230 -5.73 -6.45 -2.39
N THR A 231 -5.11 -5.82 -3.39
CA THR A 231 -3.67 -5.97 -3.60
C THR A 231 -2.86 -5.24 -2.54
N THR A 232 -3.51 -4.49 -1.64
CA THR A 232 -2.91 -3.64 -0.61
C THR A 232 -2.11 -2.48 -1.20
N ILE A 233 -2.29 -2.19 -2.49
CA ILE A 233 -1.62 -1.03 -3.09
C ILE A 233 -2.28 0.26 -2.63
N GLY A 234 -3.60 0.33 -2.77
CA GLY A 234 -4.39 1.44 -2.25
C GLY A 234 -3.93 2.83 -2.63
N PHE A 235 -3.99 3.14 -3.93
CA PHE A 235 -3.62 4.50 -4.36
C PHE A 235 -4.49 5.54 -3.68
N GLY A 236 -5.76 5.22 -3.45
CA GLY A 236 -6.70 6.18 -2.91
C GLY A 236 -7.42 7.02 -3.92
N ASP A 237 -7.11 6.87 -5.21
CA ASP A 237 -7.87 7.58 -6.24
C ASP A 237 -9.33 7.15 -6.27
N TYR A 238 -9.62 5.95 -5.76
CA TYR A 238 -10.99 5.52 -5.51
C TYR A 238 -11.04 4.94 -4.11
N VAL A 239 -11.98 5.42 -3.30
CA VAL A 239 -12.18 4.93 -1.93
C VAL A 239 -13.67 4.80 -1.69
N ALA A 240 -14.06 3.71 -1.03
CA ALA A 240 -15.47 3.47 -0.72
C ALA A 240 -15.97 4.38 0.40
N GLY A 241 -15.07 4.95 1.20
CA GLY A 241 -15.45 5.85 2.26
C GLY A 241 -15.42 7.32 1.91
N GLY A 242 -14.98 7.68 0.70
CA GLY A 242 -14.92 9.06 0.27
C GLY A 242 -16.06 9.43 -0.66
N SER A 243 -16.00 10.66 -1.16
CA SER A 243 -17.07 11.25 -1.96
C SER A 243 -18.40 11.17 -1.21
N ASP A 244 -18.42 11.90 -0.10
CA ASP A 244 -19.35 11.66 1.01
C ASP A 244 -20.63 12.47 0.85
N ILE A 245 -21.54 11.97 0.02
CA ILE A 245 -22.91 12.46 -0.03
C ILE A 245 -23.92 11.33 0.19
N GLU A 246 -23.70 10.18 -0.44
CA GLU A 246 -24.72 9.13 -0.56
C GLU A 246 -24.18 7.79 -0.08
N TYR A 247 -24.27 7.51 1.22
CA TYR A 247 -24.05 6.15 1.69
C TYR A 247 -24.48 6.04 3.15
N LEU A 248 -24.93 4.84 3.50
CA LEU A 248 -25.59 4.54 4.77
C LEU A 248 -24.64 3.82 5.73
N ASP A 249 -25.12 3.67 6.96
CA ASP A 249 -24.34 3.06 8.03
C ASP A 249 -24.35 1.53 7.99
N PHE A 250 -25.10 0.95 7.06
CA PHE A 250 -25.04 -0.47 6.74
C PHE A 250 -23.95 -0.79 5.73
N TYR A 251 -23.23 0.24 5.26
CA TYR A 251 -22.28 0.15 4.18
C TYR A 251 -20.83 0.23 4.64
N LYS A 252 -20.50 1.20 5.48
CA LYS A 252 -19.13 1.32 5.96
C LYS A 252 -18.63 0.13 6.80
N PRO A 253 -19.48 -0.64 7.53
CA PRO A 253 -18.96 -1.84 8.18
C PRO A 253 -18.57 -2.93 7.19
N VAL A 254 -19.46 -3.22 6.25
CA VAL A 254 -19.27 -4.35 5.33
C VAL A 254 -18.06 -4.14 4.44
N VAL A 255 -17.66 -2.90 4.18
CA VAL A 255 -16.50 -2.64 3.32
C VAL A 255 -15.24 -3.24 3.96
N TRP A 256 -14.90 -2.78 5.16
CA TRP A 256 -13.71 -3.32 5.82
C TRP A 256 -13.84 -4.81 6.08
N PHE A 257 -15.07 -5.30 6.31
CA PHE A 257 -15.28 -6.73 6.47
C PHE A 257 -14.96 -7.47 5.18
N TRP A 258 -15.51 -7.00 4.07
CA TRP A 258 -15.10 -7.49 2.76
C TRP A 258 -13.60 -7.43 2.56
N ILE A 259 -12.98 -6.32 2.97
CA ILE A 259 -11.53 -6.18 2.84
C ILE A 259 -10.81 -7.28 3.60
N LEU A 260 -11.21 -7.51 4.85
CA LEU A 260 -10.58 -8.53 5.69
C LEU A 260 -10.54 -9.89 4.98
N VAL A 261 -11.66 -10.28 4.36
CA VAL A 261 -11.71 -11.59 3.74
C VAL A 261 -11.14 -11.54 2.32
N GLY A 262 -11.42 -10.46 1.60
CA GLY A 262 -10.88 -10.33 0.24
C GLY A 262 -9.37 -10.28 0.21
N LEU A 263 -8.75 -9.65 1.22
CA LEU A 263 -7.30 -9.66 1.31
C LEU A 263 -6.77 -11.09 1.39
N ALA A 264 -7.40 -11.93 2.21
CA ALA A 264 -7.01 -13.33 2.28
C ALA A 264 -7.14 -14.03 0.93
N TYR A 265 -8.11 -13.61 0.13
CA TYR A 265 -8.29 -14.22 -1.18
C TYR A 265 -7.16 -13.85 -2.14
N PHE A 266 -6.87 -12.55 -2.30
CA PHE A 266 -5.73 -12.18 -3.13
C PHE A 266 -4.41 -12.70 -2.57
N ALA A 267 -4.28 -12.78 -1.24
CA ALA A 267 -3.07 -13.33 -0.65
C ALA A 267 -2.75 -14.70 -1.24
N ALA A 268 -3.78 -15.54 -1.40
CA ALA A 268 -3.58 -16.80 -2.11
C ALA A 268 -3.39 -16.57 -3.60
N VAL A 269 -4.25 -15.73 -4.20
CA VAL A 269 -4.20 -15.50 -5.64
C VAL A 269 -2.82 -15.02 -6.07
N LEU A 270 -2.31 -14.00 -5.38
CA LEU A 270 -0.98 -13.48 -5.70
C LEU A 270 0.09 -14.54 -5.51
N SER A 271 -0.04 -15.36 -4.46
CA SER A 271 0.95 -16.42 -4.24
C SER A 271 0.81 -17.55 -5.24
N MET A 272 -0.40 -17.80 -5.76
CA MET A 272 -0.56 -18.78 -6.83
C MET A 272 0.12 -18.30 -8.11
N ILE A 273 -0.13 -17.04 -8.47
CA ILE A 273 0.60 -16.43 -9.59
C ILE A 273 2.10 -16.49 -9.34
N GLY A 274 2.50 -16.32 -8.07
CA GLY A 274 3.91 -16.50 -7.74
C GLY A 274 4.42 -17.89 -8.08
N ASP A 275 3.60 -18.91 -7.83
CA ASP A 275 4.02 -20.27 -8.14
C ASP A 275 3.99 -20.52 -9.65
N TRP A 276 3.01 -19.93 -10.36
CA TRP A 276 3.03 -19.98 -11.82
C TRP A 276 4.36 -19.46 -12.36
N LEU A 277 4.82 -18.34 -11.82
CA LEU A 277 6.11 -17.79 -12.24
C LEU A 277 7.27 -18.69 -11.83
N ARG A 278 7.18 -19.29 -10.64
CA ARG A 278 8.25 -20.17 -10.17
C ARG A 278 8.39 -21.41 -11.04
N VAL A 279 7.29 -21.87 -11.63
CA VAL A 279 7.37 -22.97 -12.59
C VAL A 279 7.92 -22.48 -13.92
N ILE A 280 7.32 -21.41 -14.46
CA ILE A 280 7.75 -20.88 -15.76
C ILE A 280 9.23 -20.52 -15.73
N ALA A 281 9.72 -20.03 -14.59
CA ALA A 281 11.14 -19.79 -14.44
C ALA A 281 11.93 -21.08 -14.61
N LYS A 282 11.58 -22.11 -13.85
CA LYS A 282 12.29 -23.38 -13.92
C LYS A 282 12.13 -24.06 -15.28
N LYS A 283 11.02 -23.82 -15.98
CA LYS A 283 10.86 -24.42 -17.31
C LYS A 283 11.73 -23.70 -18.33
N THR A 284 11.83 -22.37 -18.25
CA THR A 284 12.79 -21.66 -19.08
C THR A 284 14.21 -21.83 -18.55
N LYS A 285 14.35 -22.07 -17.24
CA LYS A 285 15.64 -22.41 -16.65
C LYS A 285 16.29 -23.58 -17.39
N GLU A 286 15.56 -24.70 -17.48
CA GLU A 286 16.11 -25.89 -18.12
C GLU A 286 16.09 -25.78 -19.64
N ALA A 287 15.14 -25.04 -20.21
CA ALA A 287 15.09 -24.89 -21.65
C ALA A 287 16.31 -24.15 -22.18
N VAL A 288 16.79 -23.16 -21.42
CA VAL A 288 18.05 -22.51 -21.77
C VAL A 288 19.21 -23.48 -21.60
N GLY A 289 19.12 -24.39 -20.62
CA GLY A 289 20.16 -25.40 -20.47
C GLY A 289 20.17 -26.38 -21.63
N GLU A 290 18.99 -26.90 -21.99
CA GLU A 290 18.84 -27.70 -23.20
C GLU A 290 19.52 -27.06 -24.40
N PHE A 291 19.28 -25.77 -24.63
CA PHE A 291 19.86 -25.09 -25.79
C PHE A 291 21.35 -24.84 -25.62
N ARG A 292 21.75 -24.30 -24.47
CA ARG A 292 23.18 -24.10 -24.22
C ARG A 292 23.94 -25.42 -24.16
N ALA A 293 23.23 -26.52 -23.94
CA ALA A 293 23.86 -27.83 -24.09
C ALA A 293 24.23 -28.09 -25.54
N HIS A 294 23.23 -28.15 -26.43
CA HIS A 294 23.50 -28.52 -27.81
C HIS A 294 24.41 -27.50 -28.49
N ALA A 295 24.24 -26.23 -28.17
CA ALA A 295 25.08 -25.20 -28.77
C ALA A 295 26.54 -25.42 -28.43
N ALA A 296 26.85 -25.62 -27.15
CA ALA A 296 28.22 -25.89 -26.75
C ALA A 296 28.65 -27.33 -27.06
N GLU A 297 27.70 -28.25 -27.15
CA GLU A 297 28.02 -29.66 -27.38
C GLU A 297 28.47 -29.90 -28.81
N TRP A 298 27.80 -29.27 -29.77
CA TRP A 298 28.33 -29.20 -31.13
C TRP A 298 29.58 -28.32 -31.22
N THR A 299 29.64 -27.25 -30.41
CA THR A 299 30.76 -26.31 -30.49
C THR A 299 32.10 -27.00 -30.22
N ALA A 300 32.14 -27.88 -29.22
CA ALA A 300 33.37 -28.62 -28.94
C ALA A 300 33.74 -29.53 -30.10
N ASN A 301 32.75 -30.15 -30.73
CA ASN A 301 33.02 -31.12 -31.78
C ASN A 301 33.54 -30.45 -33.05
N VAL A 302 33.15 -29.19 -33.28
CA VAL A 302 33.58 -28.35 -34.40
C VAL A 302 33.73 -29.14 -35.70
N SER B 16 -10.56 -35.03 16.19
CA SER B 16 -9.17 -34.86 15.78
C SER B 16 -9.09 -34.13 14.45
N ASP B 17 -9.96 -34.51 13.51
CA ASP B 17 -9.93 -33.89 12.20
C ASP B 17 -10.61 -32.52 12.25
N SER B 18 -11.87 -32.48 12.66
CA SER B 18 -12.60 -31.23 12.84
C SER B 18 -12.88 -30.92 14.30
N ALA B 19 -12.20 -31.60 15.23
CA ALA B 19 -12.25 -31.20 16.62
C ALA B 19 -11.29 -30.05 16.90
N ILE B 20 -10.11 -30.08 16.27
CA ILE B 20 -9.19 -28.96 16.36
C ILE B 20 -9.73 -27.77 15.57
N ASN B 21 -10.57 -28.01 14.57
CA ASN B 21 -11.17 -26.89 13.84
C ASN B 21 -12.08 -26.06 14.74
N VAL B 22 -12.65 -26.67 15.78
CA VAL B 22 -13.34 -25.89 16.80
C VAL B 22 -12.34 -25.06 17.59
N MET B 23 -11.21 -25.68 17.97
CA MET B 23 -10.16 -24.95 18.66
C MET B 23 -9.52 -23.89 17.77
N LYS B 24 -9.68 -24.00 16.45
CA LYS B 24 -9.23 -22.95 15.55
C LYS B 24 -10.18 -21.76 15.56
N TRP B 25 -11.46 -22.01 15.28
CA TRP B 25 -12.43 -20.92 15.16
C TRP B 25 -12.52 -20.11 16.43
N LYS B 26 -12.30 -20.74 17.58
CA LYS B 26 -12.28 -20.01 18.84
C LYS B 26 -11.06 -19.09 18.93
N THR B 27 -9.96 -19.44 18.25
CA THR B 27 -8.78 -18.58 18.24
C THR B 27 -8.99 -17.38 17.32
N VAL B 28 -9.64 -17.59 16.17
CA VAL B 28 -9.84 -16.51 15.20
C VAL B 28 -10.73 -15.43 15.79
N SER B 29 -11.93 -15.82 16.27
CA SER B 29 -12.89 -14.84 16.76
C SER B 29 -12.30 -13.97 17.85
N THR B 30 -11.46 -14.56 18.72
CA THR B 30 -10.83 -13.77 19.78
C THR B 30 -9.83 -12.77 19.21
N ILE B 31 -9.08 -13.16 18.18
CA ILE B 31 -8.19 -12.22 17.51
C ILE B 31 -9.00 -11.07 16.91
N PHE B 32 -10.07 -11.41 16.19
CA PHE B 32 -10.95 -10.43 15.57
C PHE B 32 -11.33 -9.30 16.53
N LEU B 33 -11.77 -9.66 17.74
CA LEU B 33 -12.21 -8.65 18.70
C LEU B 33 -11.04 -7.82 19.21
N VAL B 34 -9.87 -8.44 19.37
CA VAL B 34 -8.67 -7.68 19.72
C VAL B 34 -8.36 -6.66 18.64
N VAL B 35 -8.53 -7.05 17.37
CA VAL B 35 -8.33 -6.12 16.27
C VAL B 35 -9.41 -5.04 16.27
N VAL B 36 -10.67 -5.43 16.49
CA VAL B 36 -11.76 -4.46 16.53
C VAL B 36 -11.52 -3.43 17.63
N LEU B 37 -11.23 -3.90 18.85
CA LEU B 37 -10.89 -2.98 19.93
C LEU B 37 -9.73 -2.07 19.55
N TYR B 38 -8.70 -2.65 18.92
CA TYR B 38 -7.53 -1.88 18.52
C TYR B 38 -7.88 -0.83 17.47
N LEU B 39 -8.80 -1.17 16.56
CA LEU B 39 -9.29 -0.18 15.61
C LEU B 39 -10.17 0.86 16.28
N ILE B 40 -10.92 0.46 17.31
CA ILE B 40 -11.72 1.42 18.07
C ILE B 40 -10.81 2.35 18.87
N ILE B 41 -9.80 1.78 19.53
CA ILE B 41 -8.85 2.59 20.30
C ILE B 41 -8.13 3.56 19.37
N GLY B 42 -7.58 3.04 18.26
CA GLY B 42 -6.92 3.91 17.31
C GLY B 42 -7.84 4.98 16.75
N ALA B 43 -9.10 4.62 16.50
CA ALA B 43 -10.09 5.59 16.05
C ALA B 43 -10.21 6.75 17.04
N THR B 44 -10.54 6.43 18.29
CA THR B 44 -10.73 7.47 19.30
C THR B 44 -9.48 8.31 19.49
N VAL B 45 -8.30 7.73 19.26
CA VAL B 45 -7.06 8.49 19.43
C VAL B 45 -6.87 9.45 18.26
N PHE B 46 -7.02 8.97 17.02
CA PHE B 46 -6.75 9.81 15.86
C PHE B 46 -7.68 11.02 15.81
N LYS B 47 -8.99 10.81 15.99
CA LYS B 47 -9.89 11.96 15.95
C LYS B 47 -9.66 12.88 17.13
N ALA B 48 -9.19 12.36 18.26
CA ALA B 48 -8.79 13.23 19.36
C ALA B 48 -7.55 14.04 19.00
N LEU B 49 -6.74 13.55 18.07
CA LEU B 49 -5.52 14.23 17.67
C LEU B 49 -5.73 15.13 16.45
N GLU B 50 -6.68 14.80 15.58
CA GLU B 50 -6.83 15.51 14.32
C GLU B 50 -8.05 16.42 14.26
N GLN B 51 -9.11 16.11 15.00
CA GLN B 51 -10.31 16.96 14.95
C GLN B 51 -10.04 18.38 15.41
N PRO B 52 -9.21 18.65 16.42
CA PRO B 52 -8.91 20.06 16.74
C PRO B 52 -8.30 20.82 15.57
N GLN B 53 -7.29 20.26 14.90
CA GLN B 53 -6.71 20.93 13.74
C GLN B 53 -7.61 20.83 12.51
N GLU B 54 -8.60 19.93 12.52
CA GLU B 54 -9.57 19.90 11.44
C GLU B 54 -10.49 21.12 11.49
N ILE B 55 -11.10 21.35 12.65
CA ILE B 55 -12.09 22.42 12.78
C ILE B 55 -11.45 23.76 12.50
N SER B 56 -10.26 24.00 13.05
CA SER B 56 -9.59 25.29 12.87
C SER B 56 -9.27 25.55 11.40
N GLN B 57 -8.94 24.51 10.64
CA GLN B 57 -8.76 24.68 9.20
C GLN B 57 -10.10 24.75 8.48
N ARG B 58 -11.12 24.06 9.00
CA ARG B 58 -12.45 24.12 8.39
C ARG B 58 -13.10 25.48 8.62
N THR B 59 -12.87 26.10 9.78
CA THR B 59 -13.48 27.38 10.07
C THR B 59 -12.72 28.55 9.45
N THR B 60 -11.40 28.43 9.32
CA THR B 60 -10.61 29.49 8.69
C THR B 60 -10.63 29.42 7.17
N ILE B 61 -11.25 28.40 6.58
CA ILE B 61 -11.42 28.36 5.13
C ILE B 61 -12.76 28.96 4.71
N VAL B 62 -13.74 28.99 5.61
CA VAL B 62 -14.99 29.69 5.33
C VAL B 62 -14.82 31.19 5.44
N ILE B 63 -13.88 31.63 6.29
CA ILE B 63 -13.59 33.06 6.39
C ILE B 63 -12.86 33.54 5.14
N GLN B 64 -11.90 32.75 4.65
CA GLN B 64 -11.25 33.09 3.39
C GLN B 64 -12.18 32.94 2.20
N ARG B 65 -13.28 32.21 2.34
CA ARG B 65 -14.35 32.26 1.35
C ARG B 65 -15.09 33.59 1.42
N GLU B 66 -15.65 33.91 2.59
CA GLU B 66 -16.39 35.16 2.75
C GLU B 66 -15.52 36.37 2.51
N LYS B 67 -14.21 36.26 2.74
CA LYS B 67 -13.31 37.37 2.48
C LYS B 67 -13.18 37.63 0.98
N PHE B 68 -13.38 36.62 0.15
CA PHE B 68 -13.27 36.78 -1.30
C PHE B 68 -14.62 36.87 -1.98
N LEU B 69 -15.68 36.32 -1.38
CA LEU B 69 -17.03 36.54 -1.89
C LEU B 69 -17.42 38.01 -1.76
N ARG B 70 -17.16 38.59 -0.58
CA ARG B 70 -17.63 39.94 -0.26
C ARG B 70 -16.74 41.02 -0.87
N ALA B 71 -15.42 40.81 -0.88
CA ALA B 71 -14.51 41.80 -1.45
C ALA B 71 -14.66 41.92 -2.96
N HIS B 72 -15.15 40.87 -3.63
CA HIS B 72 -15.40 40.87 -5.07
C HIS B 72 -16.86 40.52 -5.29
N PRO B 73 -17.77 41.50 -5.23
CA PRO B 73 -19.19 41.19 -5.48
C PRO B 73 -19.44 40.74 -6.92
N CYS B 74 -18.70 41.27 -7.87
CA CYS B 74 -18.90 41.00 -9.29
C CYS B 74 -18.51 39.57 -9.71
N VAL B 75 -17.83 38.81 -8.85
CA VAL B 75 -17.57 37.41 -9.18
C VAL B 75 -18.88 36.64 -9.08
N SER B 76 -18.95 35.52 -9.79
CA SER B 76 -20.12 34.65 -9.72
C SER B 76 -20.13 34.00 -8.34
N ASP B 77 -20.97 34.53 -7.45
CA ASP B 77 -20.90 34.18 -6.03
C ASP B 77 -21.08 32.68 -5.79
N GLN B 78 -22.04 32.06 -6.47
CA GLN B 78 -22.25 30.63 -6.30
C GLN B 78 -21.47 29.78 -7.28
N GLU B 79 -21.03 30.34 -8.40
CA GLU B 79 -20.17 29.57 -9.31
C GLU B 79 -18.73 29.51 -8.85
N LEU B 80 -18.41 30.06 -7.68
CA LEU B 80 -17.06 29.89 -7.14
C LEU B 80 -16.78 28.43 -6.82
N ASP B 81 -17.75 27.75 -6.20
CA ASP B 81 -17.57 26.33 -5.92
C ASP B 81 -17.49 25.52 -7.21
N GLU B 82 -18.09 26.01 -8.29
CA GLU B 82 -17.92 25.37 -9.59
C GLU B 82 -16.46 25.45 -10.03
N LEU B 83 -15.82 26.61 -9.83
CA LEU B 83 -14.41 26.75 -10.14
C LEU B 83 -13.54 25.92 -9.22
N ILE B 84 -13.84 25.93 -7.92
CA ILE B 84 -13.00 25.22 -6.96
C ILE B 84 -13.03 23.72 -7.23
N GLN B 85 -14.20 23.19 -7.60
CA GLN B 85 -14.31 21.78 -7.94
C GLN B 85 -13.48 21.43 -9.17
N GLN B 86 -13.39 22.34 -10.14
CA GLN B 86 -12.55 22.10 -11.30
C GLN B 86 -11.06 22.14 -10.94
N ILE B 87 -10.69 22.96 -9.96
CA ILE B 87 -9.31 22.92 -9.47
C ILE B 87 -9.10 21.67 -8.63
N VAL B 88 -10.10 21.28 -7.84
CA VAL B 88 -10.06 19.99 -7.16
C VAL B 88 -9.93 18.86 -8.18
N ALA B 89 -10.63 18.98 -9.30
CA ALA B 89 -10.43 18.02 -10.39
C ALA B 89 -9.03 18.15 -10.97
N ALA B 90 -8.47 19.36 -11.00
CA ALA B 90 -7.10 19.53 -11.46
C ALA B 90 -6.11 19.00 -10.43
N ILE B 91 -6.45 19.08 -9.15
CA ILE B 91 -5.56 18.53 -8.11
C ILE B 91 -5.32 17.05 -8.34
N ASN B 92 -6.35 16.32 -8.77
CA ASN B 92 -6.20 14.89 -9.04
C ASN B 92 -5.26 14.61 -10.21
N ALA B 93 -4.90 15.63 -10.99
CA ALA B 93 -3.85 15.54 -11.99
C ALA B 93 -2.64 16.34 -11.52
N GLY B 94 -1.52 16.15 -12.21
CA GLY B 94 -0.32 16.91 -11.90
C GLY B 94 -0.37 18.29 -12.52
N ILE B 95 -0.53 19.33 -11.69
CA ILE B 95 -0.85 20.66 -12.18
C ILE B 95 0.07 21.70 -11.57
N ILE B 96 0.22 22.80 -12.31
CA ILE B 96 0.74 24.07 -11.80
C ILE B 96 -0.14 25.15 -12.41
N PRO B 97 -1.38 25.32 -11.94
CA PRO B 97 -2.31 26.25 -12.60
C PRO B 97 -2.10 27.70 -12.18
N LEU B 98 -1.15 28.38 -12.83
CA LEU B 98 -0.81 29.75 -12.45
C LEU B 98 -0.65 30.61 -13.70
N GLY B 99 -0.81 31.92 -13.51
CA GLY B 99 -0.59 32.88 -14.58
C GLY B 99 0.81 32.77 -15.13
N ALA B 100 1.80 33.04 -14.28
CA ALA B 100 3.16 32.66 -14.61
C ALA B 100 3.30 31.14 -14.57
N SER B 101 4.42 30.64 -15.09
CA SER B 101 4.71 29.21 -15.13
C SER B 101 3.62 28.45 -15.90
N SER B 102 3.55 28.76 -17.19
CA SER B 102 2.61 28.08 -18.09
C SER B 102 3.24 26.89 -18.81
N ASN B 103 4.56 26.71 -18.71
CA ASN B 103 5.19 25.46 -19.08
C ASN B 103 5.42 24.64 -17.82
N GLN B 104 4.76 23.49 -17.74
CA GLN B 104 4.81 22.68 -16.55
C GLN B 104 5.86 21.59 -16.72
N VAL B 105 5.89 20.66 -15.78
CA VAL B 105 6.79 19.52 -15.83
C VAL B 105 5.94 18.27 -15.98
N SER B 106 6.55 17.21 -16.53
CA SER B 106 5.85 15.96 -16.75
C SER B 106 5.84 15.13 -15.47
N HIS B 107 4.65 14.78 -15.00
CA HIS B 107 4.50 13.81 -13.92
C HIS B 107 4.57 12.38 -14.41
N TRP B 108 4.51 12.16 -15.72
CA TRP B 108 4.69 10.84 -16.32
C TRP B 108 5.92 10.83 -17.23
N ASP B 109 7.02 11.44 -16.78
CA ASP B 109 8.19 11.49 -17.63
C ASP B 109 8.89 10.13 -17.63
N LEU B 110 10.03 10.06 -18.33
CA LEU B 110 10.74 8.79 -18.47
C LEU B 110 11.17 8.23 -17.13
N GLY B 111 11.35 9.09 -16.13
CA GLY B 111 11.78 8.63 -14.81
C GLY B 111 10.65 8.41 -13.83
N SER B 112 9.58 9.19 -13.94
CA SER B 112 8.49 9.11 -12.98
C SER B 112 7.70 7.82 -13.15
N SER B 113 7.38 7.45 -14.39
CA SER B 113 6.66 6.20 -14.62
C SER B 113 7.47 5.01 -14.15
N PHE B 114 8.80 5.10 -14.20
CA PHE B 114 9.65 4.06 -13.63
C PHE B 114 9.43 3.96 -12.13
N PHE B 115 9.44 5.09 -11.43
CA PHE B 115 9.19 5.09 -9.99
C PHE B 115 7.75 4.66 -9.68
N PHE B 116 6.80 5.05 -10.54
CA PHE B 116 5.42 4.63 -10.33
C PHE B 116 5.28 3.11 -10.38
N ALA B 117 5.95 2.46 -11.33
CA ALA B 117 5.93 1.00 -11.38
C ALA B 117 6.51 0.40 -10.12
N GLY B 118 7.47 1.08 -9.49
CA GLY B 118 7.98 0.64 -8.20
C GLY B 118 6.95 0.73 -7.10
N THR B 119 6.07 1.73 -7.16
CA THR B 119 4.99 1.84 -6.19
C THR B 119 3.97 0.71 -6.36
N VAL B 120 3.84 0.19 -7.58
CA VAL B 120 2.79 -0.80 -7.87
C VAL B 120 3.20 -2.18 -7.38
N ILE B 121 4.37 -2.66 -7.81
CA ILE B 121 4.76 -4.04 -7.50
C ILE B 121 5.11 -4.19 -6.03
N THR B 122 5.63 -3.15 -5.41
CA THR B 122 5.91 -3.18 -3.97
C THR B 122 4.66 -2.99 -3.13
N THR B 123 3.54 -2.64 -3.76
CA THR B 123 2.28 -2.35 -3.06
C THR B 123 2.43 -1.22 -2.05
N ILE B 124 3.38 -0.32 -2.28
CA ILE B 124 3.42 0.92 -1.52
C ILE B 124 2.34 1.87 -2.00
N GLY B 125 2.28 2.10 -3.32
CA GLY B 125 1.24 2.88 -3.94
C GLY B 125 1.00 4.23 -3.30
N PHE B 126 1.96 5.14 -3.42
CA PHE B 126 1.81 6.46 -2.81
C PHE B 126 0.57 7.18 -3.32
N GLY B 127 0.19 6.95 -4.57
CA GLY B 127 -0.98 7.59 -5.13
C GLY B 127 -0.80 9.02 -5.59
N ASN B 128 0.38 9.61 -5.35
CA ASN B 128 0.68 10.93 -5.88
C ASN B 128 0.52 11.00 -7.39
N ILE B 129 0.77 9.89 -8.08
CA ILE B 129 0.61 9.80 -9.54
C ILE B 129 -0.15 8.50 -9.82
N SER B 130 -1.40 8.62 -10.24
CA SER B 130 -2.23 7.46 -10.55
C SER B 130 -2.74 7.53 -11.98
N PRO B 131 -2.96 6.38 -12.63
CA PRO B 131 -3.36 6.40 -14.04
C PRO B 131 -4.81 6.83 -14.22
N ARG B 132 -5.03 7.74 -15.16
CA ARG B 132 -6.37 8.20 -15.52
C ARG B 132 -6.88 7.60 -16.82
N THR B 133 -6.02 6.93 -17.58
CA THR B 133 -6.45 6.29 -18.81
C THR B 133 -7.03 4.92 -18.52
N GLU B 134 -8.16 4.61 -19.18
CA GLU B 134 -8.76 3.29 -19.00
C GLU B 134 -7.81 2.18 -19.41
N GLY B 135 -6.94 2.44 -20.39
CA GLY B 135 -5.90 1.48 -20.71
C GLY B 135 -4.82 1.41 -19.64
N GLY B 136 -4.44 2.57 -19.09
CA GLY B 136 -3.49 2.57 -17.99
C GLY B 136 -4.03 1.86 -16.76
N LYS B 137 -5.32 2.05 -16.48
CA LYS B 137 -5.96 1.33 -15.38
C LYS B 137 -5.86 -0.17 -15.57
N ILE B 138 -6.24 -0.66 -16.76
CA ILE B 138 -6.24 -2.09 -17.02
C ILE B 138 -4.83 -2.63 -17.04
N PHE B 139 -3.90 -1.91 -17.66
CA PHE B 139 -2.50 -2.32 -17.61
C PHE B 139 -2.01 -2.39 -16.17
N CYS B 140 -2.33 -1.37 -15.38
CA CYS B 140 -1.94 -1.37 -13.96
C CYS B 140 -2.48 -2.60 -13.25
N ILE B 141 -3.73 -2.98 -13.52
CA ILE B 141 -4.29 -4.19 -12.95
C ILE B 141 -3.47 -5.41 -13.35
N ILE B 142 -3.18 -5.55 -14.65
CA ILE B 142 -2.38 -6.65 -15.12
C ILE B 142 -0.93 -6.50 -14.66
N TYR B 143 -0.41 -5.27 -14.66
CA TYR B 143 0.96 -5.04 -14.23
C TYR B 143 1.14 -5.36 -12.75
N ALA B 144 0.11 -5.13 -11.93
CA ALA B 144 0.19 -5.43 -10.50
C ALA B 144 0.04 -6.93 -10.25
N LEU B 145 -1.05 -7.53 -10.74
CA LEU B 145 -1.34 -8.93 -10.46
C LEU B 145 -0.21 -9.86 -10.88
N LEU B 146 0.61 -9.46 -11.86
CA LEU B 146 1.79 -10.23 -12.22
C LEU B 146 3.08 -9.65 -11.64
N GLY B 147 3.12 -8.34 -11.39
CA GLY B 147 4.31 -7.72 -10.85
C GLY B 147 4.44 -7.84 -9.35
N ILE B 148 3.32 -7.82 -8.62
CA ILE B 148 3.38 -8.02 -7.17
C ILE B 148 4.02 -9.35 -6.81
N PRO B 149 3.62 -10.49 -7.37
CA PRO B 149 4.33 -11.74 -7.04
C PRO B 149 5.78 -11.73 -7.49
N LEU B 150 6.05 -11.12 -8.64
CA LEU B 150 7.43 -10.99 -9.12
C LEU B 150 8.31 -10.29 -8.10
N PHE B 151 7.83 -9.18 -7.54
CA PHE B 151 8.65 -8.43 -6.60
C PHE B 151 8.87 -9.21 -5.30
N GLY B 152 7.84 -9.92 -4.83
CA GLY B 152 7.99 -10.70 -3.61
C GLY B 152 9.14 -11.68 -3.67
N PHE B 153 9.45 -12.19 -4.86
CA PHE B 153 10.58 -13.09 -5.02
C PHE B 153 11.91 -12.34 -4.94
N LEU B 154 11.97 -11.15 -5.53
CA LEU B 154 13.17 -10.32 -5.39
C LEU B 154 13.36 -9.88 -3.94
N LEU B 155 12.29 -9.41 -3.31
CA LEU B 155 12.38 -9.02 -1.91
C LEU B 155 12.78 -10.18 -1.03
N ALA B 156 12.30 -11.39 -1.34
CA ALA B 156 12.71 -12.57 -0.60
C ALA B 156 14.20 -12.85 -0.80
N GLY B 157 14.69 -12.70 -2.03
CA GLY B 157 16.11 -12.92 -2.28
C GLY B 157 16.98 -11.91 -1.56
N VAL B 158 16.60 -10.64 -1.61
CA VAL B 158 17.35 -9.61 -0.90
C VAL B 158 17.27 -9.84 0.60
N GLY B 159 16.07 -10.19 1.11
CA GLY B 159 15.94 -10.53 2.50
C GLY B 159 16.81 -11.72 2.90
N ASP B 160 17.02 -12.66 1.98
CA ASP B 160 17.94 -13.76 2.23
C ASP B 160 19.38 -13.27 2.30
N GLN B 161 19.76 -12.38 1.38
CA GLN B 161 21.11 -11.83 1.40
C GLN B 161 21.36 -11.07 2.69
N LEU B 162 20.47 -10.13 3.03
CA LEU B 162 20.61 -9.38 4.27
C LEU B 162 20.59 -10.31 5.48
N GLY B 163 19.77 -11.37 5.43
CA GLY B 163 19.75 -12.33 6.52
C GLY B 163 21.09 -13.03 6.70
N THR B 164 21.77 -13.33 5.59
CA THR B 164 23.06 -13.99 5.66
C THR B 164 24.23 -13.01 5.70
N ILE B 165 24.06 -11.79 5.18
CA ILE B 165 25.06 -10.76 5.41
C ILE B 165 25.17 -10.45 6.90
N PHE B 166 24.02 -10.33 7.57
CA PHE B 166 24.02 -10.11 9.01
C PHE B 166 24.54 -11.33 9.76
N GLY B 167 24.32 -12.53 9.21
CA GLY B 167 24.84 -13.73 9.84
C GLY B 167 26.35 -13.78 9.88
N LYS B 168 27.01 -13.19 8.89
CA LYS B 168 28.46 -13.07 8.93
C LYS B 168 28.89 -12.04 9.96
N GLY B 169 28.26 -10.85 9.95
CA GLY B 169 28.63 -9.80 10.87
C GLY B 169 28.32 -10.10 12.32
N ILE B 170 27.37 -11.00 12.58
CA ILE B 170 27.07 -11.37 13.96
C ILE B 170 27.89 -12.57 14.42
N ALA B 171 28.44 -13.36 13.50
CA ALA B 171 29.32 -14.45 13.91
C ALA B 171 30.56 -13.92 14.61
N LYS B 172 31.14 -12.83 14.10
CA LYS B 172 32.29 -12.22 14.76
C LYS B 172 31.90 -11.59 16.09
N VAL B 173 30.65 -11.12 16.21
CA VAL B 173 30.20 -10.50 17.44
C VAL B 173 29.79 -11.52 18.49
N GLU B 174 29.38 -12.72 18.08
CA GLU B 174 28.96 -13.75 19.01
C GLU B 174 30.10 -14.70 19.43
N ASP B 175 31.34 -14.40 19.06
CA ASP B 175 32.50 -15.05 19.66
C ASP B 175 33.28 -14.14 20.60
N THR B 176 33.45 -12.87 20.25
CA THR B 176 34.22 -11.98 21.11
C THR B 176 33.52 -11.72 22.44
N PHE B 177 32.19 -11.86 22.48
CA PHE B 177 31.44 -11.76 23.73
C PHE B 177 31.40 -13.08 24.51
N ILE B 178 32.15 -14.09 24.11
CA ILE B 178 32.13 -15.39 24.79
C ILE B 178 33.16 -15.32 25.91
N LYS B 179 32.74 -14.78 27.06
CA LYS B 179 33.51 -14.81 28.28
C LYS B 179 33.12 -16.08 29.06
N TRP B 180 33.49 -16.14 30.33
CA TRP B 180 32.99 -17.20 31.20
C TRP B 180 31.57 -16.82 31.63
N ASN B 181 30.70 -17.83 31.68
CA ASN B 181 29.33 -17.64 32.17
C ASN B 181 28.56 -16.64 31.29
N VAL B 182 28.49 -16.94 30.00
CA VAL B 182 27.81 -16.06 29.05
C VAL B 182 26.29 -16.18 29.15
N GLN B 184 24.19 -19.46 25.70
CA GLN B 184 23.81 -19.13 24.33
C GLN B 184 22.44 -18.45 24.33
N THR B 185 21.60 -18.87 25.27
CA THR B 185 20.19 -18.47 25.27
C THR B 185 20.02 -17.00 25.66
N LYS B 186 20.93 -16.46 26.46
CA LYS B 186 20.87 -15.05 26.82
C LYS B 186 21.80 -14.19 25.96
N ILE B 187 22.52 -14.80 25.03
CA ILE B 187 23.23 -14.03 24.02
C ILE B 187 22.30 -13.70 22.85
N ARG B 188 21.24 -14.47 22.67
CA ARG B 188 20.27 -14.18 21.62
C ARG B 188 19.52 -12.87 21.87
N ILE B 189 19.63 -12.30 23.06
CA ILE B 189 19.05 -10.99 23.32
C ILE B 189 19.95 -9.89 22.80
N ILE B 190 21.25 -9.96 23.13
CA ILE B 190 22.18 -8.91 22.73
C ILE B 190 22.39 -8.90 21.22
N SER B 191 22.28 -10.06 20.57
CA SER B 191 22.48 -10.11 19.12
C SER B 191 21.26 -9.65 18.33
N THR B 192 20.07 -9.73 18.90
CA THR B 192 18.90 -9.14 18.27
C THR B 192 18.79 -7.65 18.51
N ILE B 193 19.49 -7.13 19.52
CA ILE B 193 19.53 -5.68 19.73
C ILE B 193 20.41 -5.01 18.69
N ILE B 194 21.55 -5.62 18.36
CA ILE B 194 22.44 -5.04 17.37
C ILE B 194 21.81 -5.08 15.98
N PHE B 195 20.85 -5.99 15.75
CA PHE B 195 20.07 -5.95 14.52
C PHE B 195 19.21 -4.69 14.47
N ILE B 196 18.50 -4.40 15.56
CA ILE B 196 17.69 -3.19 15.63
C ILE B 196 18.58 -1.96 15.66
N LEU B 197 19.68 -2.02 16.41
CA LEU B 197 20.53 -0.85 16.61
C LEU B 197 21.16 -0.40 15.29
N PHE B 198 22.01 -1.25 14.69
CA PHE B 198 22.51 -0.98 13.35
C PHE B 198 21.38 -0.79 12.34
N GLY B 199 20.32 -1.57 12.46
CA GLY B 199 19.24 -1.52 11.48
C GLY B 199 18.58 -0.16 11.35
N CYS B 200 18.02 0.33 12.45
CA CYS B 200 17.37 1.64 12.43
C CYS B 200 18.34 2.78 12.15
N VAL B 201 19.64 2.51 12.13
CA VAL B 201 20.61 3.51 11.69
C VAL B 201 20.66 3.56 10.17
N LEU B 202 20.97 2.43 9.54
CA LEU B 202 21.19 2.41 8.09
C LEU B 202 19.90 2.52 7.29
N PHE B 203 18.78 2.00 7.80
CA PHE B 203 17.55 1.96 7.03
C PHE B 203 16.47 2.93 7.47
N VAL B 204 16.67 3.62 8.61
CA VAL B 204 15.70 4.63 9.04
C VAL B 204 16.42 5.96 9.22
N ALA B 205 17.40 6.00 10.13
CA ALA B 205 18.02 7.25 10.52
C ALA B 205 18.77 7.90 9.35
N LEU B 206 19.76 7.19 8.81
CA LEU B 206 20.59 7.79 7.76
C LEU B 206 19.80 8.19 6.51
N PRO B 207 18.84 7.40 6.00
CA PRO B 207 18.02 7.92 4.90
C PRO B 207 17.09 9.05 5.31
N ALA B 208 16.68 9.09 6.58
CA ALA B 208 15.84 10.19 7.05
C ALA B 208 16.64 11.49 7.13
N VAL B 209 17.88 11.41 7.62
CA VAL B 209 18.73 12.60 7.66
C VAL B 209 18.97 13.14 6.25
N ILE B 210 19.09 12.24 5.28
CA ILE B 210 19.29 12.64 3.90
C ILE B 210 18.04 13.32 3.34
N PHE B 211 16.88 12.70 3.56
CA PHE B 211 15.62 13.28 3.10
C PHE B 211 15.38 14.65 3.74
N LYS B 212 15.75 14.80 5.02
CA LYS B 212 15.62 16.08 5.69
C LYS B 212 16.41 17.17 4.97
N HIS B 213 17.62 16.85 4.50
CA HIS B 213 18.47 17.87 3.88
C HIS B 213 18.29 17.97 2.37
N ILE B 214 17.50 17.10 1.74
CA ILE B 214 17.25 17.16 0.31
C ILE B 214 15.83 17.59 -0.01
N GLU B 215 14.84 17.05 0.71
CA GLU B 215 13.45 17.43 0.47
C GLU B 215 12.99 18.60 1.33
N GLY B 216 13.80 19.03 2.29
CA GLY B 216 13.43 20.13 3.16
C GLY B 216 12.47 19.75 4.27
N TRP B 217 12.26 18.46 4.51
CA TRP B 217 11.33 18.00 5.53
C TRP B 217 11.88 18.31 6.93
N SER B 218 11.02 18.16 7.93
CA SER B 218 11.42 18.38 9.31
C SER B 218 12.05 17.10 9.85
N ALA B 219 12.26 17.05 11.17
CA ALA B 219 12.83 15.85 11.78
C ALA B 219 11.85 14.69 11.75
N LEU B 220 10.64 14.91 12.27
CA LEU B 220 9.65 13.84 12.32
C LEU B 220 9.16 13.46 10.92
N ASP B 221 9.03 14.44 10.03
CA ASP B 221 8.53 14.16 8.70
C ASP B 221 9.40 13.17 7.95
N ALA B 222 10.71 13.15 8.26
CA ALA B 222 11.61 12.20 7.61
C ALA B 222 11.38 10.79 8.15
N ILE B 223 11.36 10.64 9.48
CA ILE B 223 11.13 9.33 10.08
C ILE B 223 9.73 8.84 9.77
N TYR B 224 8.74 9.74 9.83
CA TYR B 224 7.38 9.38 9.45
C TYR B 224 7.31 8.85 8.03
N PHE B 225 8.02 9.48 7.10
CA PHE B 225 8.05 9.00 5.72
C PHE B 225 8.69 7.62 5.62
N VAL B 226 9.83 7.42 6.29
CA VAL B 226 10.53 6.14 6.21
C VAL B 226 9.64 5.01 6.70
N VAL B 227 8.99 5.22 7.85
CA VAL B 227 8.06 4.21 8.38
C VAL B 227 6.93 3.95 7.39
N ILE B 228 6.19 5.00 7.02
CA ILE B 228 5.10 4.87 6.07
C ILE B 228 5.56 4.23 4.77
N THR B 229 6.78 4.52 4.34
CA THR B 229 7.32 3.90 3.12
C THR B 229 7.58 2.42 3.34
N LEU B 230 8.45 2.10 4.30
CA LEU B 230 8.91 0.73 4.44
C LEU B 230 7.87 -0.18 5.10
N THR B 231 6.88 0.39 5.79
CA THR B 231 5.74 -0.41 6.23
C THR B 231 4.78 -0.73 5.11
N THR B 232 5.16 -0.39 3.88
CA THR B 232 4.33 -0.48 2.67
C THR B 232 2.90 -0.06 2.95
N ILE B 233 2.73 0.98 3.76
CA ILE B 233 1.45 1.66 3.89
C ILE B 233 1.31 2.74 2.84
N GLY B 234 2.33 3.60 2.74
CA GLY B 234 2.45 4.57 1.68
C GLY B 234 1.26 5.47 1.50
N PHE B 235 0.97 6.33 2.49
CA PHE B 235 -0.12 7.28 2.34
C PHE B 235 0.11 8.19 1.14
N GLY B 236 1.36 8.60 0.91
CA GLY B 236 1.66 9.54 -0.14
C GLY B 236 1.64 10.99 0.28
N ASP B 237 1.29 11.28 1.54
CA ASP B 237 1.37 12.65 2.01
C ASP B 237 2.80 13.17 2.02
N TYR B 238 3.78 12.26 2.06
CA TYR B 238 5.18 12.58 1.83
C TYR B 238 5.72 11.58 0.83
N VAL B 239 6.36 12.08 -0.22
CA VAL B 239 6.99 11.23 -1.24
C VAL B 239 8.33 11.86 -1.60
N ALA B 240 9.35 11.01 -1.73
CA ALA B 240 10.69 11.49 -2.05
C ALA B 240 10.77 12.04 -3.47
N GLY B 241 9.93 11.54 -4.37
CA GLY B 241 9.95 11.99 -5.75
C GLY B 241 8.67 12.65 -6.21
N GLY B 242 8.06 13.45 -5.33
CA GLY B 242 6.81 14.09 -5.66
C GLY B 242 6.95 15.50 -6.22
N SER B 243 7.67 16.37 -5.50
CA SER B 243 7.79 17.76 -5.88
C SER B 243 8.85 17.91 -6.97
N ASP B 244 9.20 19.15 -7.33
CA ASP B 244 9.97 19.42 -8.53
C ASP B 244 11.36 19.99 -8.25
N ILE B 245 11.81 19.99 -6.99
CA ILE B 245 12.76 21.01 -6.53
C ILE B 245 14.04 21.06 -7.37
N GLU B 246 14.92 20.06 -7.23
CA GLU B 246 16.01 19.93 -8.19
C GLU B 246 16.16 18.49 -8.71
N TYR B 247 16.26 17.53 -7.79
CA TYR B 247 16.29 16.10 -8.07
C TYR B 247 17.45 15.73 -9.00
N LEU B 248 18.64 15.67 -8.37
CA LEU B 248 19.94 15.39 -8.97
C LEU B 248 19.86 14.36 -10.09
N ASP B 249 19.02 13.33 -9.88
CA ASP B 249 18.76 12.15 -10.69
C ASP B 249 19.80 11.06 -10.39
N PHE B 250 20.79 11.34 -9.56
CA PHE B 250 21.45 10.28 -8.79
C PHE B 250 20.68 9.97 -7.52
N TYR B 251 19.49 10.57 -7.38
CA TYR B 251 18.66 10.54 -6.20
C TYR B 251 17.45 9.65 -6.36
N LYS B 252 16.67 9.83 -7.44
CA LYS B 252 15.53 8.96 -7.67
C LYS B 252 15.89 7.48 -7.83
N PRO B 253 17.06 7.07 -8.38
CA PRO B 253 17.41 5.65 -8.38
C PRO B 253 17.64 5.09 -6.99
N VAL B 254 18.46 5.77 -6.17
CA VAL B 254 18.80 5.25 -4.86
C VAL B 254 17.60 5.16 -3.94
N VAL B 255 16.54 5.94 -4.21
CA VAL B 255 15.34 5.88 -3.38
C VAL B 255 14.68 4.52 -3.48
N TRP B 256 14.31 4.09 -4.68
CA TRP B 256 13.66 2.79 -4.82
C TRP B 256 14.63 1.67 -4.49
N PHE B 257 15.93 1.91 -4.64
CA PHE B 257 16.93 0.93 -4.21
C PHE B 257 16.92 0.81 -2.68
N TRP B 258 16.99 1.94 -1.99
CA TRP B 258 16.77 1.96 -0.54
C TRP B 258 15.47 1.26 -0.15
N ILE B 259 14.38 1.53 -0.87
CA ILE B 259 13.11 0.89 -0.59
C ILE B 259 13.23 -0.62 -0.68
N LEU B 260 13.86 -1.09 -1.76
CA LEU B 260 14.04 -2.54 -1.95
C LEU B 260 14.66 -3.19 -0.71
N VAL B 261 15.73 -2.60 -0.19
CA VAL B 261 16.43 -3.22 0.93
C VAL B 261 15.75 -2.86 2.25
N GLY B 262 15.26 -1.62 2.37
CA GLY B 262 14.59 -1.22 3.59
C GLY B 262 13.32 -2.01 3.85
N LEU B 263 12.57 -2.34 2.81
CA LEU B 263 11.41 -3.23 2.96
C LEU B 263 11.81 -4.56 3.57
N ALA B 264 12.91 -5.14 3.09
CA ALA B 264 13.39 -6.39 3.67
C ALA B 264 13.72 -6.22 5.15
N TYR B 265 14.18 -5.04 5.55
CA TYR B 265 14.49 -4.81 6.96
C TYR B 265 13.23 -4.76 7.81
N PHE B 266 12.25 -3.94 7.44
CA PHE B 266 10.99 -3.96 8.18
C PHE B 266 10.29 -5.31 8.09
N ALA B 267 10.41 -6.01 6.97
CA ALA B 267 9.80 -7.33 6.85
C ALA B 267 10.22 -8.23 8.01
N ALA B 268 11.50 -8.18 8.39
CA ALA B 268 11.94 -8.86 9.60
C ALA B 268 11.42 -8.14 10.84
N VAL B 269 11.57 -6.81 10.89
CA VAL B 269 11.18 -6.03 12.06
C VAL B 269 9.72 -6.25 12.40
N LEU B 270 8.84 -6.13 11.40
CA LEU B 270 7.42 -6.37 11.62
C LEU B 270 7.16 -7.79 12.10
N SER B 271 7.87 -8.76 11.54
CA SER B 271 7.68 -10.14 11.94
C SER B 271 8.29 -10.41 13.31
N MET B 272 9.32 -9.67 13.70
CA MET B 272 9.84 -9.80 15.07
C MET B 272 8.83 -9.26 16.06
N ILE B 273 8.24 -8.09 15.76
CA ILE B 273 7.14 -7.59 16.58
C ILE B 273 6.00 -8.60 16.61
N GLY B 274 5.78 -9.30 15.50
CA GLY B 274 4.76 -10.33 15.48
C GLY B 274 5.02 -11.42 16.49
N ASP B 275 6.26 -11.92 16.56
CA ASP B 275 6.60 -12.96 17.52
C ASP B 275 6.56 -12.42 18.93
N TRP B 276 7.03 -11.19 19.14
CA TRP B 276 6.83 -10.50 20.41
C TRP B 276 5.36 -10.46 20.81
N LEU B 277 4.45 -10.41 19.83
CA LEU B 277 3.02 -10.50 20.14
C LEU B 277 2.58 -11.92 20.43
N ARG B 278 3.20 -12.91 19.79
CA ARG B 278 2.94 -14.31 20.16
C ARG B 278 3.21 -14.55 21.63
N VAL B 279 4.39 -14.15 22.11
CA VAL B 279 4.77 -14.40 23.49
C VAL B 279 3.84 -13.65 24.44
N ILE B 280 3.70 -12.34 24.23
CA ILE B 280 2.85 -11.52 25.10
C ILE B 280 1.41 -12.05 25.10
N ALA B 281 0.95 -12.59 23.98
CA ALA B 281 -0.35 -13.25 23.96
C ALA B 281 -0.38 -14.43 24.94
N LYS B 282 0.59 -15.34 24.81
CA LYS B 282 0.67 -16.48 25.73
C LYS B 282 0.84 -16.02 27.18
N LYS B 283 1.66 -15.00 27.40
CA LYS B 283 1.94 -14.61 28.78
C LYS B 283 0.72 -13.97 29.44
N THR B 284 -0.03 -13.17 28.67
CA THR B 284 -1.33 -12.74 29.16
C THR B 284 -2.34 -13.88 29.14
N LYS B 285 -2.15 -14.85 28.23
CA LYS B 285 -3.04 -16.02 28.20
C LYS B 285 -2.96 -16.79 29.51
N GLU B 286 -1.75 -17.04 29.99
CA GLU B 286 -1.59 -17.77 31.26
C GLU B 286 -1.82 -16.87 32.46
N ALA B 287 -1.53 -15.57 32.34
CA ALA B 287 -1.73 -14.66 33.47
C ALA B 287 -3.21 -14.46 33.78
N VAL B 288 -4.06 -14.49 32.76
CA VAL B 288 -5.50 -14.49 33.01
C VAL B 288 -5.91 -15.76 33.73
N GLY B 289 -5.24 -16.88 33.43
CA GLY B 289 -5.53 -18.11 34.16
C GLY B 289 -5.10 -18.04 35.61
N GLU B 290 -3.86 -17.59 35.85
CA GLU B 290 -3.38 -17.31 37.20
C GLU B 290 -4.39 -16.46 37.97
N PHE B 291 -4.74 -15.31 37.40
CA PHE B 291 -5.65 -14.39 38.08
C PHE B 291 -7.04 -14.99 38.29
N ARG B 292 -7.69 -15.51 37.25
CA ARG B 292 -9.00 -16.06 37.59
C ARG B 292 -8.92 -17.26 38.53
N ALA B 293 -7.84 -18.00 38.53
CA ALA B 293 -7.73 -19.07 39.51
C ALA B 293 -7.74 -18.55 40.95
N HIS B 294 -6.72 -17.79 41.35
CA HIS B 294 -6.36 -17.47 42.73
C HIS B 294 -6.96 -16.14 43.19
N ALA B 295 -6.33 -15.53 44.22
CA ALA B 295 -6.74 -14.28 44.87
C ALA B 295 -7.99 -14.48 45.74
N ALA B 296 -7.95 -15.49 46.60
CA ALA B 296 -9.07 -15.83 47.49
C ALA B 296 -10.30 -16.23 46.68
N GLU B 297 -10.06 -16.99 45.61
CA GLU B 297 -11.09 -17.42 44.68
C GLU B 297 -11.83 -16.21 44.10
CD CD C . 18.92 -32.72 -24.61
CD CD D . -14.72 15.27 2.34
C1 D12 E . 4.67 -13.11 -18.06
C2 D12 E . 6.20 -12.98 -18.12
C3 D12 E . 6.84 -13.95 -17.13
C4 D12 E . 8.34 -13.81 -17.24
C5 D12 E . 9.04 -14.66 -16.21
C6 D12 E . 10.51 -14.52 -16.37
C7 D12 E . 11.23 -15.47 -15.40
C8 D12 E . 12.45 -16.09 -16.09
C9 D12 E . 13.66 -16.20 -15.16
C10 D12 E . 14.94 -16.15 -15.99
C11 D12 E . 15.91 -17.17 -15.45
C12 D12 E . 17.02 -17.40 -16.49
C1 D12 F . -17.38 -3.69 -19.64
C2 D12 F . -16.02 -3.25 -19.06
C3 D12 F . -15.43 -4.41 -18.25
C4 D12 F . -13.98 -4.05 -17.85
C5 D12 F . -13.26 -5.29 -17.34
C6 D12 F . -11.81 -5.31 -17.80
C7 D12 F . -10.99 -6.15 -16.83
C8 D12 F . -9.70 -6.60 -17.53
C9 D12 F . -8.94 -7.54 -16.61
C10 D12 F . -7.86 -8.27 -17.41
C11 D12 F . -7.43 -9.51 -16.63
C12 D12 F . -6.73 -10.48 -17.57
C1 OCT G . 9.05 -9.98 -19.09
C2 OCT G . 9.67 -11.24 -19.68
C3 OCT G . 11.17 -11.28 -19.41
C4 OCT G . 11.79 -12.63 -19.90
C5 OCT G . 13.23 -12.71 -19.44
C6 OCT G . 13.81 -14.07 -19.80
C7 OCT G . 15.23 -14.17 -19.25
C8 OCT G . 15.83 -15.54 -19.58
C1 OCT H . -9.63 -15.87 -15.29
C2 OCT H . -8.51 -15.70 -16.30
C3 OCT H . -7.45 -16.78 -16.11
C4 OCT H . -6.67 -16.97 -17.41
C5 OCT H . -5.44 -17.82 -17.14
C6 OCT H . -4.61 -17.94 -18.41
C7 OCT H . -3.46 -18.94 -18.23
C8 OCT H . -2.69 -19.07 -19.54
K K I . -2.01 6.10 -1.00
K K J . -1.14 3.26 -0.12
K K K . 0.80 -2.78 1.25
K K L . 1.13 -7.65 0.89
K K M . -5.19 12.34 -3.07
C27 R16 N . 4.44 -2.75 24.33
C28 R16 N . 5.63 -1.87 24.79
C29 R16 N . 5.15 -0.42 24.92
C30 R16 N . 6.31 0.53 24.65
C31 R16 N . 5.81 1.94 24.37
C32 R16 N . 6.96 2.83 23.89
C33 R16 N . 6.68 3.31 22.47
C34 R16 N . 7.97 3.86 21.87
C35 R16 N . 7.92 3.85 20.35
C36 R16 N . 9.03 4.71 19.76
C37 R16 N . 8.42 5.82 18.89
C38 R16 N . 9.57 6.74 18.49
C39 R16 N . 9.00 8.02 17.89
C40 R16 N . 10.00 9.17 17.99
C41 R16 N . 9.65 10.30 17.04
C42 R16 N . 10.52 11.52 17.36
CD CD O . 4.51 19.42 -10.45
C1 OCT P . -7.18 -10.21 27.20
C2 OCT P . -7.53 -8.93 26.42
C3 OCT P . -6.42 -7.89 26.52
C4 OCT P . -6.60 -6.78 25.47
C5 OCT P . -5.35 -5.90 25.45
C6 OCT P . -4.46 -6.26 24.27
C7 OCT P . -3.02 -5.83 24.51
C8 OCT P . -2.09 -6.41 23.44
K K Q . 0.01 0.59 0.57
C1 D10 R . 20.51 3.10 1.84
C2 D10 R . 20.78 1.63 1.60
C3 D10 R . 21.96 1.20 2.46
C4 D10 R . 22.45 -0.17 2.00
C5 D10 R . 23.55 -0.69 2.93
C6 D10 R . 24.25 -1.88 2.30
C7 D10 R . 24.91 -2.69 3.42
C8 D10 R . 25.77 -3.77 2.78
C9 D10 R . 26.45 -4.57 3.88
C10 D10 R . 27.34 -5.62 3.24
#